data_6F5U
#
_entry.id   6F5U
#
_cell.length_a   114.050
_cell.length_b   114.050
_cell.length_c   307.180
_cell.angle_alpha   90.00
_cell.angle_beta   90.00
_cell.angle_gamma   120.00
#
_symmetry.space_group_name_H-M   'H 3 2'
#
loop_
_entity.id
_entity.type
_entity.pdbx_description
1 polymer 'Envelope glycoprotein,Envelope glycoprotein,GP1'
2 polymer 'Envelope glycoprotein'
3 branched alpha-D-mannopyranose-(1-6)-beta-D-mannopyranose-(1-4)-2-acetamido-2-deoxy-beta-D-glucopyranose-(1-4)-2-acetamido-2-deoxy-beta-D-glucopyranose
4 non-polymer 2-acetamido-2-deoxy-beta-D-glucopyranose
5 non-polymer GLYCEROL
6 non-polymer 'DIMETHYL SULFOXIDE'
7 non-polymer Bepridil
8 water water
#
loop_
_entity_poly.entity_id
_entity_poly.type
_entity_poly.pdbx_seq_one_letter_code
_entity_poly.pdbx_strand_id
1 'polypeptide(L)'
;ETGRSIPLGVIHNSALQVSDVDKLVCRDKLSSTNQLRSVGLNLEGNGVATDVPSATKRWGFRSGVPPKVVNYEAGEWAEN
CYNLEIKKPDGSECLPAAPDGIRGFPRCRYVHKVSGTGPCAGDFAFHKEGAFFLYDRLASTVIYRGTTFAEGVVAFLILP
QAKKDFFSSHPLREPVNATEDPSSGYYSTTIRYQATGFGTNETEYLFEVDNLTYVQLESRFTPQFLLQLNETIYTSGKRS
NTTGKLIWKVNPEIDTTIGEWAFWETKKNLTRKIRSEELSFTVVS(UNK)(UNK)(UNK)(UNK)(UNK)(UNK)(UNK)
(UNK)(UNK)(UNK)(UNK)(UNK)(UNK)(UNK)(UNK)(UNK)(UNK)(UNK)(UNK)(UNK)(UNK)(UNK)(UNK)
(UNK)(UNK)(UNK)(UNK)(UNK)(UNK)(UNK)(UNK)(UNK)(UNK)(UNK)(UNK)(UNK)(UNK)(UNK)(UNK)
(UNK)(UNK)(UNK)(UNK)(UNK)(UNK)
;
A
2 'polypeptide(L)'
;EAIVNAQPKCNPNLHYWTTQDEGAAIGLAWIPYFGPAAEGIYIEGLMHNQDGLICGLRQLANETTQALQLFLRATTELRT
FSILNRKAIDFLLQRWGGTCHILGPDCCIEPADWTKNITDKIDQIIHDFVDGSGYIPEAPRDGQAYVRKDGEWVLLSTFL
GTHHHHHH
;
B
#
# COMPACT_ATOMS: atom_id res chain seq x y z
N SER A 5 -16.93 7.70 10.44
CA SER A 5 -15.75 8.54 10.56
C SER A 5 -14.49 7.75 10.23
N ILE A 6 -13.61 8.34 9.42
CA ILE A 6 -12.36 7.70 9.04
C ILE A 6 -11.43 7.68 10.25
N PRO A 7 -10.93 6.51 10.65
CA PRO A 7 -10.09 6.45 11.85
C PRO A 7 -8.78 7.20 11.67
N LEU A 8 -8.26 7.69 12.79
CA LEU A 8 -7.00 8.44 12.83
C LEU A 8 -6.12 7.82 13.90
N GLY A 9 -4.92 7.39 13.50
CA GLY A 9 -4.01 6.74 14.44
C GLY A 9 -3.24 7.76 15.27
N VAL A 10 -3.16 7.49 16.57
CA VAL A 10 -2.44 8.35 17.51
C VAL A 10 -1.74 7.47 18.53
N ILE A 11 -0.61 7.95 19.04
CA ILE A 11 0.23 7.20 19.96
C ILE A 11 -0.08 7.68 21.38
N HIS A 12 -0.64 6.79 22.20
CA HIS A 12 -0.89 7.05 23.61
C HIS A 12 -0.35 5.87 24.42
N ASN A 13 0.29 6.19 25.55
CA ASN A 13 0.80 5.17 26.48
C ASN A 13 1.69 4.15 25.76
N SER A 14 2.60 4.66 24.93
CA SER A 14 3.56 3.83 24.19
C SER A 14 2.87 2.81 23.30
N ALA A 15 1.71 3.16 22.76
CA ALA A 15 0.97 2.23 21.90
C ALA A 15 0.12 3.01 20.91
N LEU A 16 -0.11 2.40 19.75
CA LEU A 16 -0.92 3.02 18.73
C LEU A 16 -2.38 2.79 19.06
N GLN A 17 -3.19 3.83 18.88
CA GLN A 17 -4.61 3.75 19.17
C GLN A 17 -5.38 4.50 18.09
N VAL A 18 -6.66 4.17 17.96
CA VAL A 18 -7.59 4.97 17.16
C VAL A 18 -8.12 6.10 18.03
N SER A 19 -7.99 7.32 17.54
CA SER A 19 -8.48 8.49 18.27
C SER A 19 -10.01 8.48 18.33
N ASP A 20 -10.55 8.69 19.52
CA ASP A 20 -12.00 8.67 19.72
C ASP A 20 -12.59 10.02 19.35
N VAL A 21 -13.54 10.00 18.41
CA VAL A 21 -14.16 11.24 17.94
C VAL A 21 -14.94 11.93 19.05
N ASP A 22 -15.40 11.17 20.04
CA ASP A 22 -16.28 11.73 21.06
C ASP A 22 -15.50 12.46 22.15
N LYS A 23 -14.40 11.88 22.62
CA LYS A 23 -13.66 12.43 23.75
C LYS A 23 -12.50 13.31 23.27
N LEU A 24 -12.41 14.50 23.84
CA LEU A 24 -11.40 15.49 23.49
C LEU A 24 -10.25 15.41 24.48
N VAL A 25 -9.02 15.29 23.98
CA VAL A 25 -7.82 15.20 24.79
C VAL A 25 -7.05 16.49 24.57
N CYS A 26 -7.09 17.40 25.55
CA CYS A 26 -6.48 18.71 25.38
C CYS A 26 -4.96 18.66 25.33
N ARG A 27 -4.34 17.62 25.91
CA ARG A 27 -2.89 17.55 25.89
C ARG A 27 -2.35 16.98 24.59
N ASP A 28 -3.21 16.42 23.74
CA ASP A 28 -2.82 16.13 22.37
C ASP A 28 -2.55 17.44 21.63
N LYS A 29 -1.46 17.47 20.86
CA LYS A 29 -1.02 18.70 20.22
C LYS A 29 -0.83 18.47 18.73
N LEU A 30 -1.42 19.36 17.92
CA LEU A 30 -1.27 19.36 16.47
C LEU A 30 -0.85 20.77 16.08
N SER A 31 0.46 21.00 15.99
CA SER A 31 1.00 22.33 15.72
C SER A 31 1.28 22.58 14.25
N SER A 32 1.04 21.60 13.39
CA SER A 32 1.33 21.72 11.97
C SER A 32 0.66 20.58 11.21
N THR A 33 0.24 20.86 9.98
CA THR A 33 -0.30 19.81 9.13
C THR A 33 0.77 18.78 8.77
N ASN A 34 2.04 19.09 9.01
CA ASN A 34 3.10 18.13 8.77
C ASN A 34 3.01 16.93 9.71
N GLN A 35 2.36 17.10 10.87
CA GLN A 35 2.19 15.99 11.79
C GLN A 35 1.19 14.96 11.28
N LEU A 36 0.35 15.33 10.31
CA LEU A 36 -0.63 14.42 9.76
C LEU A 36 -0.05 13.70 8.54
N ARG A 37 -0.27 12.39 8.48
CA ARG A 37 0.32 11.56 7.42
C ARG A 37 -0.70 10.54 6.94
N SER A 38 -0.67 10.28 5.63
CA SER A 38 -1.38 9.17 5.01
C SER A 38 -0.35 8.17 4.50
N VAL A 39 -0.56 6.90 4.80
CA VAL A 39 0.43 5.86 4.52
C VAL A 39 -0.26 4.64 3.93
N GLY A 40 0.45 3.94 3.05
CA GLY A 40 -0.02 2.73 2.43
C GLY A 40 0.74 1.52 2.94
N LEU A 41 0.00 0.51 3.36
CA LEU A 41 0.55 -0.73 3.89
C LEU A 41 0.17 -1.89 2.97
N ASN A 42 1.13 -2.75 2.67
CA ASN A 42 0.92 -3.82 1.70
C ASN A 42 0.26 -5.02 2.36
N LEU A 43 -0.71 -5.62 1.67
CA LEU A 43 -1.32 -6.86 2.15
C LEU A 43 -0.29 -7.94 2.39
N GLU A 44 0.79 -7.93 1.60
CA GLU A 44 1.95 -8.78 1.81
C GLU A 44 2.30 -8.93 3.28
N GLY A 45 2.43 -7.80 3.98
CA GLY A 45 2.88 -7.80 5.37
C GLY A 45 1.90 -8.42 6.35
N ASN A 46 0.70 -8.78 5.90
CA ASN A 46 -0.26 -9.47 6.74
C ASN A 46 -0.25 -10.97 6.51
N GLY A 47 0.56 -11.46 5.58
CA GLY A 47 0.72 -12.89 5.36
C GLY A 47 -0.14 -13.49 4.25
N VAL A 48 -0.70 -12.67 3.36
CA VAL A 48 -1.52 -13.22 2.29
C VAL A 48 -0.63 -13.90 1.25
N ALA A 49 -1.19 -14.87 0.54
CA ALA A 49 -0.47 -15.54 -0.53
C ALA A 49 -0.24 -14.58 -1.68
N THR A 50 0.99 -14.52 -2.16
CA THR A 50 1.38 -13.55 -3.18
C THR A 50 1.59 -14.16 -4.55
N ASP A 51 1.51 -15.48 -4.68
CA ASP A 51 1.65 -16.09 -5.99
C ASP A 51 0.52 -15.63 -6.91
N VAL A 52 0.85 -15.56 -8.20
CA VAL A 52 -0.13 -15.07 -9.20
C VAL A 52 -1.45 -15.83 -9.13
N PRO A 53 -1.48 -17.17 -9.08
CA PRO A 53 -2.79 -17.84 -9.02
C PRO A 53 -3.61 -17.44 -7.81
N SER A 54 -2.99 -17.27 -6.64
CA SER A 54 -3.74 -16.87 -5.46
C SER A 54 -4.11 -15.39 -5.50
N ALA A 55 -3.18 -14.54 -5.95
CA ALA A 55 -3.41 -13.10 -5.93
C ALA A 55 -4.55 -12.71 -6.88
N THR A 56 -4.57 -13.27 -8.08
CA THR A 56 -5.57 -12.88 -9.07
C THR A 56 -6.98 -13.28 -8.69
N LYS A 57 -7.13 -14.32 -7.86
CA LYS A 57 -8.47 -14.70 -7.41
C LYS A 57 -9.09 -13.69 -6.46
N ARG A 58 -8.30 -12.76 -5.93
CA ARG A 58 -8.82 -11.72 -5.05
C ARG A 58 -9.39 -10.53 -5.82
N TRP A 59 -9.33 -10.55 -7.16
CA TRP A 59 -9.79 -9.45 -7.99
C TRP A 59 -10.90 -9.94 -8.90
N GLY A 60 -11.84 -9.04 -9.22
CA GLY A 60 -12.96 -9.39 -10.06
C GLY A 60 -13.54 -8.18 -10.76
N PHE A 61 -14.25 -8.45 -11.85
CA PHE A 61 -14.83 -7.40 -12.68
C PHE A 61 -16.26 -7.09 -12.26
N ARG A 62 -16.65 -5.82 -12.40
CA ARG A 62 -17.93 -5.34 -11.94
C ARG A 62 -18.28 -4.05 -12.67
N SER A 63 -19.54 -3.93 -13.07
CA SER A 63 -20.06 -2.73 -13.71
C SER A 63 -20.96 -1.95 -12.77
N GLY A 64 -21.15 -0.67 -13.07
CA GLY A 64 -22.06 0.18 -12.33
C GLY A 64 -21.46 0.95 -11.18
N VAL A 65 -20.17 0.74 -10.87
CA VAL A 65 -19.52 1.36 -9.74
C VAL A 65 -18.42 2.27 -10.26
N PRO A 66 -18.52 3.57 -10.07
CA PRO A 66 -17.47 4.49 -10.56
C PRO A 66 -16.18 4.31 -9.79
N PRO A 67 -15.04 4.31 -10.48
CA PRO A 67 -13.76 4.19 -9.77
C PRO A 67 -13.46 5.41 -8.93
N LYS A 68 -12.65 5.19 -7.88
CA LYS A 68 -12.30 6.24 -6.94
C LYS A 68 -10.82 6.16 -6.61
N VAL A 69 -10.19 7.32 -6.48
CA VAL A 69 -8.75 7.43 -6.21
C VAL A 69 -8.56 8.30 -4.97
N VAL A 70 -7.65 7.88 -4.10
CA VAL A 70 -7.26 8.65 -2.92
C VAL A 70 -5.74 8.63 -2.83
N ASN A 71 -5.16 9.74 -2.41
CA ASN A 71 -3.70 9.85 -2.36
C ASN A 71 -3.17 9.39 -1.01
N TYR A 72 -1.92 8.95 -1.02
CA TYR A 72 -1.18 8.63 0.20
C TYR A 72 0.26 9.04 0.00
N GLU A 73 0.90 9.46 1.10
CA GLU A 73 2.19 10.14 1.01
C GLU A 73 3.38 9.20 1.07
N ALA A 74 3.27 8.08 1.76
CA ALA A 74 4.40 7.17 1.94
C ALA A 74 3.92 5.74 1.86
N GLY A 75 4.80 4.86 1.40
CA GLY A 75 4.44 3.46 1.26
C GLY A 75 5.53 2.52 1.72
N GLU A 76 5.31 1.22 1.47
CA GLU A 76 6.21 0.16 1.91
C GLU A 76 6.83 -0.50 0.70
N TRP A 77 8.14 -0.78 0.78
CA TRP A 77 8.80 -1.56 -0.26
C TRP A 77 8.09 -2.90 -0.40
N ALA A 78 7.76 -3.26 -1.64
CA ALA A 78 7.01 -4.48 -1.90
C ALA A 78 7.92 -5.56 -2.47
N GLU A 79 7.68 -6.79 -2.04
CA GLU A 79 8.31 -7.93 -2.69
C GLU A 79 7.60 -8.29 -3.98
N ASN A 80 6.28 -8.26 -3.97
CA ASN A 80 5.47 -8.67 -5.11
C ASN A 80 4.58 -7.52 -5.55
N CYS A 81 4.65 -7.21 -6.84
CA CYS A 81 3.74 -6.30 -7.50
C CYS A 81 3.21 -6.97 -8.75
N TYR A 82 2.19 -6.39 -9.37
CA TYR A 82 1.50 -7.01 -10.48
C TYR A 82 1.23 -5.99 -11.57
N ASN A 83 1.21 -6.48 -12.81
CA ASN A 83 1.08 -5.64 -13.99
C ASN A 83 0.31 -6.44 -15.03
N LEU A 84 -0.90 -6.01 -15.37
CA LEU A 84 -1.84 -6.83 -16.12
C LEU A 84 -2.08 -6.28 -17.51
N GLU A 85 -2.01 -7.15 -18.52
CA GLU A 85 -2.37 -6.86 -19.91
C GLU A 85 -3.36 -7.94 -20.35
N ILE A 86 -4.63 -7.76 -20.00
CA ILE A 86 -5.67 -8.74 -20.24
C ILE A 86 -6.59 -8.23 -21.34
N LYS A 87 -6.85 -9.07 -22.33
CA LYS A 87 -7.81 -8.79 -23.39
C LYS A 87 -8.92 -9.83 -23.37
N LYS A 88 -10.04 -9.50 -23.99
CA LYS A 88 -11.05 -10.50 -24.24
C LYS A 88 -10.61 -11.37 -25.42
N PRO A 89 -11.23 -12.54 -25.59
CA PRO A 89 -10.89 -13.37 -26.77
C PRO A 89 -11.06 -12.65 -28.09
N ASP A 90 -11.92 -11.62 -28.16
CA ASP A 90 -12.10 -10.87 -29.40
C ASP A 90 -11.04 -9.80 -29.60
N GLY A 91 -10.10 -9.64 -28.67
CA GLY A 91 -9.01 -8.71 -28.83
C GLY A 91 -9.19 -7.35 -28.17
N SER A 92 -10.36 -7.07 -27.61
CA SER A 92 -10.59 -5.78 -26.98
C SER A 92 -10.03 -5.76 -25.56
N GLU A 93 -9.61 -4.57 -25.12
CA GLU A 93 -8.94 -4.44 -23.83
C GLU A 93 -9.93 -4.62 -22.68
N CYS A 94 -9.47 -5.33 -21.64
CA CYS A 94 -10.29 -5.53 -20.44
C CYS A 94 -10.10 -4.43 -19.41
N LEU A 95 -8.97 -3.74 -19.42
CA LEU A 95 -8.64 -2.75 -18.41
C LEU A 95 -8.44 -1.38 -19.04
N PRO A 96 -8.80 -0.32 -18.35
CA PRO A 96 -8.61 1.03 -18.91
C PRO A 96 -7.16 1.48 -18.78
N ALA A 97 -6.77 2.36 -19.69
CA ALA A 97 -5.44 2.95 -19.61
C ALA A 97 -5.31 3.74 -18.31
N ALA A 98 -4.07 3.84 -17.82
CA ALA A 98 -3.81 4.56 -16.60
C ALA A 98 -4.15 6.04 -16.80
N PRO A 99 -4.97 6.64 -15.93
CA PRO A 99 -5.26 8.07 -16.07
C PRO A 99 -4.00 8.91 -15.94
N ASP A 100 -4.10 10.14 -16.43
CA ASP A 100 -3.00 11.10 -16.38
C ASP A 100 -2.49 11.25 -14.94
N GLY A 101 -1.20 11.00 -14.76
CA GLY A 101 -0.57 11.19 -13.47
C GLY A 101 -0.55 10.00 -12.55
N ILE A 102 -1.00 8.83 -13.00
CA ILE A 102 -1.00 7.62 -12.20
C ILE A 102 0.11 6.72 -12.74
N ARG A 103 1.19 6.59 -11.98
CA ARG A 103 2.33 5.76 -12.35
C ARG A 103 2.38 4.52 -11.47
N GLY A 104 3.27 3.59 -11.84
CA GLY A 104 3.36 2.33 -11.13
C GLY A 104 3.90 2.49 -9.72
N PHE A 105 3.63 1.49 -8.89
CA PHE A 105 4.15 1.44 -7.54
C PHE A 105 5.68 1.53 -7.58
N PRO A 106 6.30 2.37 -6.75
CA PRO A 106 7.71 2.73 -6.97
C PRO A 106 8.74 1.74 -6.44
N ARG A 107 8.34 0.76 -5.63
CA ARG A 107 9.32 -0.16 -5.02
C ARG A 107 8.77 -1.58 -5.10
N CYS A 108 9.25 -2.36 -6.06
CA CYS A 108 8.80 -3.73 -6.27
C CYS A 108 10.02 -4.59 -6.54
N ARG A 109 10.26 -5.58 -5.68
CA ARG A 109 11.35 -6.51 -5.94
C ARG A 109 11.02 -7.39 -7.15
N TYR A 110 9.79 -7.89 -7.23
CA TYR A 110 9.35 -8.71 -8.35
C TYR A 110 8.07 -8.13 -8.91
N VAL A 111 8.06 -7.88 -10.22
CA VAL A 111 6.87 -7.44 -10.93
C VAL A 111 6.33 -8.62 -11.71
N HIS A 112 5.18 -9.14 -11.29
CA HIS A 112 4.53 -10.24 -12.00
C HIS A 112 3.68 -9.65 -13.11
N LYS A 113 4.20 -9.72 -14.34
CA LYS A 113 3.51 -9.18 -15.50
C LYS A 113 2.72 -10.30 -16.17
N VAL A 114 1.39 -10.19 -16.12
CA VAL A 114 0.49 -11.21 -16.64
C VAL A 114 -0.17 -10.68 -17.90
N SER A 115 0.04 -11.38 -19.01
CA SER A 115 -0.66 -11.12 -20.26
C SER A 115 -1.53 -12.33 -20.59
N GLY A 116 -2.69 -12.07 -21.20
CA GLY A 116 -3.55 -13.16 -21.61
C GLY A 116 -4.97 -12.70 -21.83
N THR A 117 -5.90 -13.64 -21.64
CA THR A 117 -7.29 -13.44 -22.00
C THR A 117 -8.22 -13.94 -20.90
N GLY A 118 -9.45 -13.42 -20.92
CA GLY A 118 -10.49 -13.83 -20.02
C GLY A 118 -11.81 -13.21 -20.45
N PRO A 119 -12.92 -13.63 -19.84
CA PRO A 119 -14.21 -13.05 -20.23
C PRO A 119 -14.37 -11.60 -19.81
N CYS A 120 -13.81 -11.20 -18.66
CA CYS A 120 -13.83 -9.81 -18.20
C CYS A 120 -15.26 -9.26 -18.18
N ALA A 121 -16.11 -9.87 -17.37
CA ALA A 121 -17.53 -9.57 -17.36
C ALA A 121 -17.83 -8.40 -16.42
N GLY A 122 -17.30 -7.24 -16.79
CA GLY A 122 -17.48 -6.04 -16.01
C GLY A 122 -16.62 -4.88 -16.50
N ASP A 123 -17.05 -3.65 -16.20
CA ASP A 123 -16.35 -2.48 -16.73
C ASP A 123 -15.01 -2.26 -16.03
N PHE A 124 -14.93 -2.53 -14.73
CA PHE A 124 -13.70 -2.31 -13.98
C PHE A 124 -13.41 -3.53 -13.12
N ALA A 125 -12.12 -3.71 -12.80
CA ALA A 125 -11.66 -4.79 -11.96
C ALA A 125 -11.43 -4.25 -10.55
N PHE A 126 -12.14 -4.81 -9.58
CA PHE A 126 -12.08 -4.38 -8.19
C PHE A 126 -11.40 -5.44 -7.34
N HIS A 127 -11.09 -5.07 -6.11
CA HIS A 127 -10.56 -6.01 -5.12
C HIS A 127 -11.74 -6.61 -4.35
N LYS A 128 -11.85 -7.93 -4.38
CA LYS A 128 -13.01 -8.60 -3.79
C LYS A 128 -13.06 -8.47 -2.28
N GLU A 129 -11.95 -8.18 -1.63
CA GLU A 129 -11.91 -8.02 -0.18
C GLU A 129 -11.92 -6.56 0.25
N GLY A 130 -12.15 -5.64 -0.68
CA GLY A 130 -12.25 -4.23 -0.37
C GLY A 130 -10.92 -3.50 -0.24
N ALA A 131 -9.80 -4.16 -0.49
CA ALA A 131 -8.51 -3.49 -0.43
C ALA A 131 -8.35 -2.56 -1.63
N PHE A 132 -7.22 -1.84 -1.64
CA PHE A 132 -6.91 -0.92 -2.71
C PHE A 132 -5.79 -1.46 -3.59
N PHE A 133 -5.69 -0.92 -4.79
CA PHE A 133 -4.56 -1.14 -5.68
C PHE A 133 -3.65 0.07 -5.54
N LEU A 134 -2.49 -0.15 -4.94
CA LEU A 134 -1.56 0.94 -4.68
C LEU A 134 -0.65 1.27 -5.84
N TYR A 135 -0.73 2.50 -6.30
CA TYR A 135 0.13 2.99 -7.36
C TYR A 135 1.13 3.97 -6.75
N ASP A 136 1.70 4.86 -7.58
CA ASP A 136 2.65 5.84 -7.09
C ASP A 136 1.93 6.92 -6.29
N ARG A 137 1.80 6.71 -4.98
CA ARG A 137 1.20 7.67 -4.05
C ARG A 137 -0.26 7.98 -4.37
N LEU A 138 -0.90 7.12 -5.16
CA LEU A 138 -2.34 7.17 -5.41
C LEU A 138 -2.89 5.77 -5.26
N ALA A 139 -3.94 5.63 -4.44
CA ALA A 139 -4.60 4.36 -4.24
C ALA A 139 -5.94 4.37 -4.97
N SER A 140 -6.17 3.37 -5.80
CA SER A 140 -7.38 3.28 -6.59
C SER A 140 -8.17 2.04 -6.20
N THR A 141 -9.48 2.10 -6.42
CA THR A 141 -10.33 0.94 -6.22
C THR A 141 -10.29 -0.03 -7.39
N VAL A 142 -9.65 0.34 -8.51
CA VAL A 142 -9.69 -0.47 -9.73
C VAL A 142 -8.27 -0.65 -10.27
N ILE A 143 -8.15 -1.60 -11.21
CA ILE A 143 -6.88 -1.93 -11.84
C ILE A 143 -6.78 -1.20 -13.17
N TYR A 144 -5.63 -0.57 -13.42
CA TYR A 144 -5.37 0.07 -14.69
C TYR A 144 -4.44 -0.80 -15.53
N ARG A 145 -4.63 -0.74 -16.85
CA ARG A 145 -3.90 -1.60 -17.77
C ARG A 145 -2.42 -1.30 -17.75
N GLY A 146 -1.62 -2.37 -17.74
CA GLY A 146 -0.17 -2.25 -17.88
C GLY A 146 0.50 -1.36 -16.85
N THR A 147 -0.10 -1.23 -15.67
CA THR A 147 0.40 -0.32 -14.64
C THR A 147 0.68 -1.13 -13.37
N THR A 148 1.93 -1.06 -12.91
CA THR A 148 2.36 -1.89 -11.79
C THR A 148 1.72 -1.41 -10.48
N PHE A 149 1.15 -2.35 -9.73
CA PHE A 149 0.50 -2.02 -8.46
C PHE A 149 0.86 -3.06 -7.41
N ALA A 150 0.71 -2.65 -6.15
CA ALA A 150 0.73 -3.55 -5.02
C ALA A 150 -0.63 -3.51 -4.34
N GLU A 151 -1.08 -4.67 -3.85
CA GLU A 151 -2.30 -4.69 -3.05
C GLU A 151 -2.00 -4.09 -1.68
N GLY A 152 -2.91 -3.24 -1.21
CA GLY A 152 -2.65 -2.62 0.08
C GLY A 152 -3.84 -1.85 0.60
N VAL A 153 -3.61 -1.23 1.76
CA VAL A 153 -4.62 -0.47 2.48
C VAL A 153 -3.96 0.81 3.02
N VAL A 154 -4.80 1.78 3.38
CA VAL A 154 -4.33 3.11 3.75
C VAL A 154 -4.70 3.39 5.20
N ALA A 155 -3.76 4.01 5.92
CA ALA A 155 -3.97 4.48 7.28
C ALA A 155 -3.66 5.97 7.36
N PHE A 156 -4.24 6.62 8.36
CA PHE A 156 -4.03 8.04 8.60
C PHE A 156 -3.51 8.23 10.01
N LEU A 157 -2.47 9.04 10.16
CA LEU A 157 -1.74 9.17 11.41
C LEU A 157 -1.60 10.64 11.80
N ILE A 158 -1.64 10.88 13.11
CA ILE A 158 -1.18 12.15 13.68
C ILE A 158 0.05 11.82 14.52
N LEU A 159 1.20 12.28 14.06
CA LEU A 159 2.48 11.97 14.69
C LEU A 159 2.79 12.97 15.79
N PRO A 160 3.65 12.60 16.73
CA PRO A 160 4.12 13.57 17.72
C PRO A 160 4.98 14.64 17.07
N GLN A 161 5.12 15.75 17.79
CA GLN A 161 5.92 16.87 17.29
C GLN A 161 7.36 16.44 17.04
N ALA A 162 7.99 17.08 16.06
CA ALA A 162 9.32 16.71 15.61
C ALA A 162 10.35 16.69 16.75
N SER A 184 22.15 -1.93 0.39
CA SER A 184 21.21 -2.38 -0.63
C SER A 184 20.56 -1.21 -1.37
N GLY A 185 20.69 -1.21 -2.67
CA GLY A 185 19.97 -0.29 -3.54
C GLY A 185 18.57 -0.79 -3.84
N TYR A 186 18.05 -0.39 -4.98
CA TYR A 186 16.73 -0.83 -5.44
C TYR A 186 16.91 -1.69 -6.69
N TYR A 187 16.59 -2.98 -6.56
CA TYR A 187 16.59 -3.92 -7.68
C TYR A 187 15.17 -4.39 -7.92
N SER A 188 14.80 -4.49 -9.19
CA SER A 188 13.48 -4.97 -9.59
C SER A 188 13.62 -5.94 -10.74
N THR A 189 12.86 -7.04 -10.69
CA THR A 189 12.91 -8.08 -11.69
C THR A 189 11.51 -8.38 -12.19
N THR A 190 11.32 -8.36 -13.50
CA THR A 190 10.03 -8.65 -14.10
C THR A 190 9.92 -10.14 -14.39
N ILE A 191 8.80 -10.73 -13.98
CA ILE A 191 8.51 -12.14 -14.21
C ILE A 191 7.25 -12.21 -15.06
N ARG A 192 7.37 -12.79 -16.24
CA ARG A 192 6.32 -12.72 -17.25
C ARG A 192 5.50 -14.01 -17.28
N TYR A 193 4.18 -13.85 -17.37
CA TYR A 193 3.24 -14.95 -17.41
C TYR A 193 2.29 -14.78 -18.58
N GLN A 194 1.78 -15.91 -19.07
CA GLN A 194 0.64 -15.93 -19.99
C GLN A 194 -0.53 -16.61 -19.29
N ALA A 195 -1.74 -16.16 -19.59
CA ALA A 195 -2.92 -16.63 -18.89
C ALA A 195 -4.09 -16.80 -19.86
N THR A 196 -4.93 -17.78 -19.57
CA THR A 196 -6.20 -17.97 -20.24
C THR A 196 -7.30 -18.13 -19.20
N GLY A 197 -8.50 -17.69 -19.55
CA GLY A 197 -9.61 -17.74 -18.61
C GLY A 197 -9.37 -16.88 -17.39
N PHE A 198 -8.72 -15.73 -17.57
CA PHE A 198 -8.39 -14.85 -16.45
C PHE A 198 -9.66 -14.39 -15.74
N GLY A 199 -9.63 -14.46 -14.42
CA GLY A 199 -10.75 -14.00 -13.61
C GLY A 199 -11.88 -14.99 -13.47
N THR A 200 -11.63 -16.28 -13.65
CA THR A 200 -12.67 -17.29 -13.55
C THR A 200 -12.24 -18.44 -12.66
N ASN A 201 -13.02 -19.52 -12.66
CA ASN A 201 -12.68 -20.70 -11.90
C ASN A 201 -11.51 -21.45 -12.53
N GLU A 202 -11.49 -21.53 -13.85
CA GLU A 202 -10.52 -22.35 -14.58
C GLU A 202 -9.49 -21.47 -15.30
N THR A 203 -8.73 -20.71 -14.51
CA THR A 203 -7.65 -19.91 -15.07
C THR A 203 -6.38 -20.74 -15.14
N GLU A 204 -5.77 -20.75 -16.32
CA GLU A 204 -4.50 -21.46 -16.55
C GLU A 204 -3.38 -20.45 -16.69
N TYR A 205 -2.25 -20.73 -16.06
CA TYR A 205 -1.11 -19.82 -16.05
C TYR A 205 0.14 -20.53 -16.55
N LEU A 206 0.96 -19.81 -17.31
CA LEU A 206 2.24 -20.30 -17.79
C LEU A 206 3.33 -19.29 -17.48
N PHE A 207 4.39 -19.73 -16.84
CA PHE A 207 5.58 -18.91 -16.68
C PHE A 207 6.36 -18.88 -17.99
N GLU A 208 6.86 -17.70 -18.35
CA GLU A 208 7.46 -17.47 -19.65
C GLU A 208 8.98 -17.50 -19.53
N VAL A 209 9.60 -18.49 -20.13
CA VAL A 209 11.06 -18.57 -20.24
C VAL A 209 11.55 -17.77 -21.44
N ASP A 210 11.00 -18.04 -22.62
CA ASP A 210 11.12 -17.16 -23.78
C ASP A 210 9.80 -17.22 -24.54
N ASN A 211 9.77 -16.63 -25.73
CA ASN A 211 8.51 -16.54 -26.48
C ASN A 211 8.00 -17.90 -26.92
N LEU A 212 8.82 -18.94 -26.86
CA LEU A 212 8.41 -20.28 -27.27
C LEU A 212 8.55 -21.33 -26.18
N THR A 213 9.15 -20.99 -25.03
CA THR A 213 9.39 -21.95 -23.96
C THR A 213 8.66 -21.49 -22.70
N TYR A 214 7.85 -22.38 -22.14
CA TYR A 214 6.99 -22.03 -21.02
C TYR A 214 7.01 -23.14 -19.98
N VAL A 215 6.62 -22.77 -18.76
CA VAL A 215 6.50 -23.71 -17.64
C VAL A 215 5.10 -23.59 -17.07
N GLN A 216 4.44 -24.75 -16.90
CA GLN A 216 3.11 -24.76 -16.30
C GLN A 216 3.20 -24.26 -14.85
N LEU A 217 2.41 -23.23 -14.55
CA LEU A 217 2.54 -22.53 -13.27
C LEU A 217 1.72 -23.21 -12.19
N GLU A 218 2.32 -23.33 -11.01
CA GLU A 218 1.64 -23.80 -9.81
C GLU A 218 1.78 -22.75 -8.72
N SER A 219 0.78 -22.71 -7.83
CA SER A 219 0.73 -21.67 -6.80
C SER A 219 1.90 -21.78 -5.84
N ARG A 220 2.54 -22.94 -5.73
CA ARG A 220 3.61 -23.13 -4.76
C ARG A 220 4.94 -22.58 -5.25
N PHE A 221 5.05 -22.16 -6.51
CA PHE A 221 6.30 -21.65 -7.04
C PHE A 221 6.54 -20.23 -6.53
N THR A 222 7.70 -20.01 -5.91
CA THR A 222 8.12 -18.71 -5.44
C THR A 222 8.82 -17.94 -6.55
N PRO A 223 8.97 -16.62 -6.41
CA PRO A 223 9.74 -15.87 -7.43
C PRO A 223 11.17 -16.38 -7.58
N GLN A 224 11.84 -16.68 -6.48
CA GLN A 224 13.22 -17.16 -6.56
C GLN A 224 13.31 -18.50 -7.27
N PHE A 225 12.31 -19.37 -7.07
CA PHE A 225 12.31 -20.66 -7.77
C PHE A 225 12.11 -20.47 -9.26
N LEU A 226 11.21 -19.56 -9.66
CA LEU A 226 10.97 -19.32 -11.08
C LEU A 226 12.22 -18.78 -11.77
N LEU A 227 12.94 -17.89 -11.10
CA LEU A 227 14.13 -17.31 -11.72
C LEU A 227 15.26 -18.32 -11.81
N GLN A 228 15.38 -19.20 -10.81
CA GLN A 228 16.40 -20.25 -10.88
C GLN A 228 16.01 -21.32 -11.89
N LEU A 229 14.74 -21.73 -11.90
CA LEU A 229 14.27 -22.66 -12.93
C LEU A 229 14.46 -22.07 -14.32
N ASN A 230 14.25 -20.76 -14.47
CA ASN A 230 14.51 -20.11 -15.75
C ASN A 230 15.98 -20.18 -16.12
N GLU A 231 16.87 -20.00 -15.14
CA GLU A 231 18.29 -19.98 -15.43
C GLU A 231 18.80 -21.36 -15.81
N THR A 232 18.34 -22.41 -15.12
CA THR A 232 18.77 -23.76 -15.46
C THR A 232 18.28 -24.17 -16.84
N ILE A 233 17.05 -23.76 -17.20
CA ILE A 233 16.52 -24.07 -18.51
C ILE A 233 17.38 -23.45 -19.60
N TYR A 234 17.88 -22.23 -19.36
CA TYR A 234 18.74 -21.58 -20.33
C TYR A 234 20.10 -22.25 -20.41
N THR A 235 20.69 -22.61 -19.27
CA THR A 235 22.03 -23.18 -19.24
C THR A 235 22.04 -24.68 -19.47
N SER A 236 20.93 -25.38 -19.23
CA SER A 236 20.82 -26.77 -19.65
C SER A 236 20.37 -26.91 -21.10
N GLY A 237 20.16 -25.78 -21.79
CA GLY A 237 19.76 -25.80 -23.18
C GLY A 237 18.39 -26.39 -23.43
N LYS A 238 17.47 -26.27 -22.48
CA LYS A 238 16.16 -26.91 -22.58
C LYS A 238 15.09 -25.98 -23.17
N ARG A 239 15.49 -24.96 -23.91
CA ARG A 239 14.54 -24.12 -24.61
C ARG A 239 14.05 -24.80 -25.88
N SER A 240 12.99 -24.25 -26.46
CA SER A 240 12.53 -24.72 -27.75
C SER A 240 13.55 -24.39 -28.84
N ASN A 241 13.97 -25.40 -29.60
CA ASN A 241 14.78 -25.21 -30.79
C ASN A 241 14.04 -25.64 -32.04
N THR A 242 12.73 -25.38 -32.08
CA THR A 242 11.96 -25.42 -33.31
C THR A 242 11.19 -24.11 -33.37
N THR A 243 10.18 -24.06 -34.22
CA THR A 243 9.27 -22.91 -34.26
C THR A 243 8.04 -23.11 -33.39
N GLY A 244 7.92 -24.27 -32.73
CA GLY A 244 6.74 -24.57 -31.94
C GLY A 244 6.88 -24.22 -30.47
N LYS A 245 5.77 -24.33 -29.76
CA LYS A 245 5.70 -23.93 -28.36
C LYS A 245 6.04 -25.12 -27.47
N LEU A 246 7.01 -24.93 -26.58
CA LEU A 246 7.47 -25.97 -25.66
C LEU A 246 6.99 -25.61 -24.25
N ILE A 247 6.14 -26.46 -23.68
CA ILE A 247 5.55 -26.23 -22.36
C ILE A 247 6.08 -27.31 -21.42
N TRP A 248 6.97 -26.92 -20.52
CA TRP A 248 7.47 -27.85 -19.51
C TRP A 248 6.48 -27.95 -18.35
N LYS A 249 6.51 -29.10 -17.67
CA LYS A 249 5.75 -29.28 -16.44
C LYS A 249 6.66 -29.83 -15.36
N VAL A 250 6.55 -29.27 -14.17
CA VAL A 250 7.28 -29.75 -13.01
C VAL A 250 6.42 -30.77 -12.28
N ASN A 251 7.00 -31.94 -11.96
CA ASN A 251 6.17 -32.90 -11.26
C ASN A 251 6.22 -32.66 -9.75
N PRO A 252 5.19 -33.11 -9.00
CA PRO A 252 5.07 -32.74 -7.57
C PRO A 252 6.29 -33.04 -6.72
N GLU A 253 7.14 -33.96 -7.18
CA GLU A 253 8.32 -34.36 -6.42
C GLU A 253 9.20 -33.17 -6.04
N ILE A 254 9.33 -32.20 -6.95
CA ILE A 254 10.24 -31.09 -6.77
C ILE A 254 9.64 -30.08 -5.81
N ASP A 255 10.36 -29.77 -4.72
CA ASP A 255 9.90 -28.80 -3.74
C ASP A 255 10.21 -27.39 -4.20
N THR A 256 9.91 -26.41 -3.36
CA THR A 256 10.04 -25.00 -3.74
C THR A 256 10.27 -24.16 -2.49
N THR A 257 11.19 -23.20 -2.60
CA THR A 257 11.45 -22.26 -1.52
C THR A 257 11.68 -20.85 -2.08
N TRP A 261 5.64 -20.03 5.66
CA TRP A 261 6.76 -19.09 5.78
C TRP A 261 6.60 -17.89 4.86
N ALA A 262 6.79 -16.70 5.42
CA ALA A 262 6.67 -15.45 4.68
C ALA A 262 8.03 -15.00 4.15
N PHE A 263 7.99 -14.05 3.22
CA PHE A 263 9.21 -13.68 2.51
C PHE A 263 10.23 -13.02 3.44
N TRP A 264 9.77 -12.37 4.51
CA TRP A 264 10.69 -11.67 5.39
C TRP A 264 11.31 -12.57 6.44
N GLU A 265 10.88 -13.82 6.55
CA GLU A 265 11.40 -14.75 7.55
C GLU A 265 11.90 -16.03 6.90
N LEU A 279 18.25 -31.90 -11.60
CA LEU A 279 17.01 -31.91 -12.38
C LEU A 279 17.21 -32.63 -13.71
N SER A 280 16.17 -33.34 -14.15
CA SER A 280 16.22 -34.12 -15.39
C SER A 280 15.04 -33.72 -16.27
N PHE A 281 15.33 -33.41 -17.53
CA PHE A 281 14.34 -32.93 -18.48
C PHE A 281 14.11 -33.99 -19.56
N THR A 282 12.84 -34.32 -19.80
CA THR A 282 12.45 -35.31 -20.80
C THR A 282 11.18 -34.84 -21.50
N VAL A 283 11.11 -35.05 -22.82
CA VAL A 283 9.98 -34.64 -23.63
C VAL A 283 9.07 -35.85 -23.85
N VAL A 284 7.78 -35.67 -23.60
CA VAL A 284 6.81 -36.76 -23.70
C VAL A 284 5.94 -36.61 -24.94
N UNK A 286 2.76 -27.78 -30.52
CA UNK A 286 2.67 -27.82 -29.07
C UNK A 286 3.39 -29.05 -28.53
N UNK A 287 4.53 -28.83 -27.88
CA UNK A 287 5.31 -29.93 -27.32
C UNK A 287 5.30 -29.88 -25.79
N UNK A 288 4.55 -30.80 -25.19
CA UNK A 288 4.52 -30.93 -23.73
C UNK A 288 5.75 -31.69 -23.27
N UNK A 289 6.06 -31.62 -21.98
CA UNK A 289 7.25 -32.27 -21.44
C UNK A 289 7.24 -32.29 -19.91
N UNK A 290 8.25 -32.94 -19.33
CA UNK A 290 8.31 -33.12 -17.87
C UNK A 290 9.69 -32.84 -17.30
N UNK A 291 9.72 -32.26 -16.10
CA UNK A 291 10.95 -32.01 -15.38
C UNK A 291 10.91 -32.74 -14.04
N UNK A 292 11.93 -33.55 -13.78
CA UNK A 292 11.96 -34.36 -12.56
C UNK A 292 13.37 -34.46 -11.99
N GLU B 1 -10.52 3.76 20.89
CA GLU B 1 -10.38 2.31 20.82
C GLU B 1 -8.91 1.89 20.76
N ALA B 2 -8.65 0.66 21.18
CA ALA B 2 -7.31 0.09 21.06
C ALA B 2 -7.21 -0.70 19.76
N ILE B 3 -5.97 -0.95 19.35
CA ILE B 3 -5.68 -1.64 18.09
C ILE B 3 -5.28 -3.08 18.42
N VAL B 4 -6.05 -4.03 17.88
CA VAL B 4 -5.81 -5.46 18.10
C VAL B 4 -5.47 -6.06 16.74
N ASN B 5 -4.19 -6.33 16.51
CA ASN B 5 -3.79 -7.00 15.27
C ASN B 5 -4.38 -8.40 15.24
N ALA B 6 -5.29 -8.63 14.29
CA ALA B 6 -5.94 -9.93 14.11
C ALA B 6 -5.65 -10.47 12.72
N GLN B 7 -4.43 -10.27 12.24
CA GLN B 7 -3.98 -10.73 10.94
C GLN B 7 -3.26 -12.06 11.05
N PRO B 8 -3.30 -12.88 10.00
CA PRO B 8 -2.57 -14.16 10.04
C PRO B 8 -1.10 -14.00 10.40
N LYS B 9 -0.44 -12.97 9.87
CA LYS B 9 0.96 -12.69 10.17
C LYS B 9 1.14 -11.18 10.28
N CYS B 10 2.33 -10.79 10.75
CA CYS B 10 2.73 -9.39 10.78
C CYS B 10 4.20 -9.31 10.42
N ASN B 11 4.52 -8.57 9.37
CA ASN B 11 5.91 -8.23 9.11
C ASN B 11 6.30 -7.13 10.08
N PRO B 12 7.16 -7.42 11.07
CA PRO B 12 7.41 -6.45 12.15
C PRO B 12 8.27 -5.27 11.73
N ASN B 13 8.87 -5.31 10.56
CA ASN B 13 9.75 -4.25 10.10
C ASN B 13 9.12 -3.51 8.92
N LEU B 14 9.30 -2.19 8.89
CA LEU B 14 8.71 -1.34 7.86
C LEU B 14 9.82 -0.72 7.03
N HIS B 15 10.09 -1.31 5.88
CA HIS B 15 11.01 -0.75 4.88
C HIS B 15 10.16 0.18 4.00
N TYR B 16 10.29 1.49 4.23
CA TYR B 16 9.36 2.44 3.64
C TYR B 16 10.05 3.36 2.65
N TRP B 17 9.22 3.95 1.78
CA TRP B 17 9.63 4.98 0.84
C TRP B 17 8.71 6.18 0.97
N THR B 18 9.25 7.37 0.69
CA THR B 18 8.46 8.60 0.66
C THR B 18 9.26 9.65 -0.11
N THR B 19 8.71 10.86 -0.16
CA THR B 19 9.32 11.97 -0.86
C THR B 19 9.92 12.95 0.16
N GLN B 20 10.25 14.15 -0.29
CA GLN B 20 10.69 15.23 0.58
C GLN B 20 10.24 16.55 -0.04
N ASP B 21 9.45 17.32 0.71
CA ASP B 21 8.84 18.53 0.18
C ASP B 21 9.75 19.74 0.24
N GLU B 22 10.89 19.64 0.93
CA GLU B 22 11.85 20.74 1.00
C GLU B 22 13.23 20.19 1.31
N GLY B 23 13.65 19.16 0.57
CA GLY B 23 14.99 18.63 0.75
C GLY B 23 16.05 19.65 0.39
N ALA B 24 17.07 19.75 1.24
CA ALA B 24 18.16 20.69 1.01
C ALA B 24 18.87 20.38 -0.30
N ALA B 25 18.42 20.99 -1.39
CA ALA B 25 18.88 20.63 -2.71
C ALA B 25 20.33 21.06 -2.93
N ILE B 26 21.07 20.24 -3.67
CA ILE B 26 22.45 20.52 -4.03
C ILE B 26 22.45 21.27 -5.35
N GLY B 27 22.84 22.54 -5.32
CA GLY B 27 23.05 23.28 -6.54
C GLY B 27 21.74 23.52 -7.27
N LEU B 28 21.64 22.98 -8.49
CA LEU B 28 20.51 23.22 -9.37
C LEU B 28 19.55 22.03 -9.44
N ALA B 29 19.68 21.07 -8.51
CA ALA B 29 18.86 19.87 -8.57
C ALA B 29 17.38 20.14 -8.29
N TRP B 30 17.06 21.31 -7.73
CA TRP B 30 15.67 21.67 -7.50
C TRP B 30 14.97 22.10 -8.78
N ILE B 31 15.72 22.46 -9.81
CA ILE B 31 15.14 22.87 -11.09
C ILE B 31 14.61 21.63 -11.80
N PRO B 32 13.33 21.61 -12.18
CA PRO B 32 12.78 20.41 -12.85
C PRO B 32 13.57 19.99 -14.08
N TYR B 33 14.08 20.95 -14.86
CA TYR B 33 14.85 20.62 -16.05
C TYR B 33 16.10 19.80 -15.71
N PHE B 34 16.73 20.11 -14.57
CA PHE B 34 17.98 19.44 -14.20
C PHE B 34 17.79 18.35 -13.17
N GLY B 35 16.66 18.32 -12.45
CA GLY B 35 16.52 17.46 -11.31
C GLY B 35 16.24 16.02 -11.72
N PRO B 36 15.99 15.18 -10.71
CA PRO B 36 15.73 13.77 -10.97
C PRO B 36 14.41 13.55 -11.70
N ALA B 37 14.34 12.41 -12.39
CA ALA B 37 13.10 11.98 -13.03
C ALA B 37 12.14 11.42 -11.98
N ALA B 38 10.99 10.96 -12.44
CA ALA B 38 9.94 10.51 -11.53
C ALA B 38 10.44 9.37 -10.63
N GLU B 39 11.31 8.51 -11.16
CA GLU B 39 11.78 7.36 -10.40
C GLU B 39 12.81 7.71 -9.34
N GLY B 40 13.39 8.90 -9.38
CA GLY B 40 14.49 9.22 -8.48
C GLY B 40 14.18 10.27 -7.42
N ILE B 41 12.92 10.44 -7.06
CA ILE B 41 12.52 11.45 -6.08
C ILE B 41 12.31 10.86 -4.68
N TYR B 42 12.56 9.57 -4.49
CA TYR B 42 12.19 8.90 -3.26
C TYR B 42 13.36 8.79 -2.30
N ILE B 43 13.05 8.89 -1.00
CA ILE B 43 13.97 8.54 0.06
C ILE B 43 13.47 7.25 0.68
N GLU B 44 14.37 6.54 1.36
CA GLU B 44 14.01 5.28 1.99
C GLU B 44 14.37 5.31 3.47
N GLY B 45 13.70 4.44 4.22
CA GLY B 45 13.98 4.29 5.64
C GLY B 45 13.55 2.93 6.11
N LEU B 46 14.01 2.58 7.31
CA LEU B 46 13.70 1.30 7.92
C LEU B 46 13.29 1.53 9.36
N MET B 47 12.12 1.02 9.74
CA MET B 47 11.60 1.19 11.08
C MET B 47 11.21 -0.15 11.67
N HIS B 48 11.58 -0.35 12.93
CA HIS B 48 11.33 -1.61 13.64
C HIS B 48 10.12 -1.48 14.55
N ASN B 49 9.73 -2.61 15.15
CA ASN B 49 8.45 -2.74 15.85
C ASN B 49 8.51 -2.27 17.29
N GLN B 50 9.28 -1.21 17.58
CA GLN B 50 9.28 -0.65 18.94
C GLN B 50 7.88 -0.20 19.32
N ASP B 51 7.48 -0.53 20.56
CA ASP B 51 6.15 -0.25 21.08
C ASP B 51 5.05 -0.95 20.26
N GLY B 52 5.41 -1.95 19.47
CA GLY B 52 4.43 -2.64 18.64
C GLY B 52 3.77 -1.77 17.60
N LEU B 53 4.44 -0.69 17.18
CA LEU B 53 3.79 0.30 16.31
C LEU B 53 3.58 -0.24 14.90
N ILE B 54 4.50 -1.07 14.41
CA ILE B 54 4.38 -1.56 13.04
C ILE B 54 3.20 -2.51 12.90
N CYS B 55 3.09 -3.48 13.82
CA CYS B 55 1.95 -4.40 13.76
C CYS B 55 0.64 -3.70 14.07
N GLY B 56 0.67 -2.69 14.94
CA GLY B 56 -0.52 -1.89 15.16
C GLY B 56 -0.91 -1.10 13.92
N LEU B 57 0.08 -0.58 13.21
CA LEU B 57 -0.18 0.21 12.01
C LEU B 57 -0.77 -0.64 10.90
N ARG B 58 -0.30 -1.87 10.74
CA ARG B 58 -0.87 -2.77 9.74
C ARG B 58 -2.33 -3.05 10.05
N GLN B 59 -2.67 -3.24 11.32
CA GLN B 59 -4.06 -3.46 11.69
C GLN B 59 -4.88 -2.19 11.53
N LEU B 60 -4.28 -1.03 11.81
CA LEU B 60 -4.99 0.24 11.66
C LEU B 60 -5.39 0.48 10.22
N ALA B 61 -4.45 0.29 9.29
CA ALA B 61 -4.76 0.45 7.88
C ALA B 61 -5.85 -0.52 7.44
N ASN B 62 -5.79 -1.75 7.93
CA ASN B 62 -6.83 -2.74 7.64
C ASN B 62 -8.19 -2.26 8.13
N GLU B 63 -8.24 -1.76 9.37
CA GLU B 63 -9.52 -1.37 9.95
C GLU B 63 -10.04 -0.06 9.38
N THR B 64 -9.14 0.78 8.84
CA THR B 64 -9.55 2.03 8.24
C THR B 64 -10.34 1.83 6.96
N THR B 65 -10.23 0.65 6.35
CA THR B 65 -10.66 0.48 4.96
C THR B 65 -12.16 0.66 4.78
N GLN B 66 -12.98 0.12 5.69
CA GLN B 66 -14.42 0.21 5.53
C GLN B 66 -14.88 1.67 5.51
N ALA B 67 -14.41 2.46 6.47
CA ALA B 67 -14.81 3.86 6.52
C ALA B 67 -14.29 4.63 5.32
N LEU B 68 -13.05 4.36 4.90
CA LEU B 68 -12.49 5.07 3.76
C LEU B 68 -13.24 4.72 2.48
N GLN B 69 -13.58 3.44 2.29
CA GLN B 69 -14.32 3.04 1.09
C GLN B 69 -15.71 3.66 1.06
N LEU B 70 -16.36 3.75 2.22
CA LEU B 70 -17.68 4.38 2.27
C LEU B 70 -17.59 5.87 2.01
N PHE B 71 -16.54 6.52 2.49
CA PHE B 71 -16.31 7.93 2.17
C PHE B 71 -16.13 8.10 0.67
N LEU B 72 -15.31 7.23 0.05
CA LEU B 72 -15.03 7.36 -1.38
C LEU B 72 -16.28 7.06 -2.21
N ARG B 73 -17.12 6.14 -1.75
CA ARG B 73 -18.37 5.85 -2.46
C ARG B 73 -19.26 7.09 -2.53
N ALA B 74 -19.25 7.90 -1.48
CA ALA B 74 -20.17 9.03 -1.35
C ALA B 74 -19.62 10.32 -1.95
N THR B 75 -18.34 10.40 -2.26
CA THR B 75 -17.79 11.60 -2.87
C THR B 75 -17.90 11.52 -4.39
N THR B 76 -18.10 12.68 -5.01
CA THR B 76 -18.09 12.79 -6.47
C THR B 76 -16.72 13.20 -7.00
N GLU B 77 -15.78 13.51 -6.11
CA GLU B 77 -14.44 13.88 -6.55
C GLU B 77 -13.71 12.65 -7.07
N LEU B 78 -13.07 12.79 -8.23
CA LEU B 78 -12.41 11.65 -8.84
C LEU B 78 -11.15 11.25 -8.08
N ARG B 79 -10.40 12.24 -7.59
CA ARG B 79 -9.20 12.00 -6.78
C ARG B 79 -9.30 12.85 -5.53
N THR B 80 -9.20 12.21 -4.36
CA THR B 80 -9.39 12.88 -3.08
C THR B 80 -8.02 13.19 -2.46
N PHE B 81 -7.75 14.47 -2.26
CA PHE B 81 -6.52 14.93 -1.64
C PHE B 81 -6.74 15.65 -0.32
N SER B 82 -7.99 15.81 0.13
CA SER B 82 -8.33 16.76 1.17
C SER B 82 -8.58 16.13 2.54
N ILE B 83 -8.34 14.83 2.69
CA ILE B 83 -8.71 14.14 3.94
C ILE B 83 -7.92 14.70 5.12
N LEU B 84 -6.60 14.89 4.94
CA LEU B 84 -5.78 15.34 6.06
C LEU B 84 -6.07 16.79 6.43
N ASN B 85 -6.27 17.66 5.43
CA ASN B 85 -6.63 19.04 5.72
C ASN B 85 -7.95 19.12 6.47
N ARG B 86 -8.92 18.29 6.09
CA ARG B 86 -10.21 18.32 6.77
C ARG B 86 -10.10 17.80 8.21
N LYS B 87 -9.24 16.82 8.45
CA LYS B 87 -9.02 16.37 9.82
C LYS B 87 -8.35 17.44 10.67
N ALA B 88 -7.47 18.25 10.06
CA ALA B 88 -6.88 19.37 10.79
C ALA B 88 -7.94 20.41 11.14
N ILE B 89 -8.86 20.68 10.21
CA ILE B 89 -9.95 21.61 10.48
C ILE B 89 -10.84 21.08 11.60
N ASP B 90 -11.19 19.79 11.54
CA ASP B 90 -12.03 19.21 12.57
C ASP B 90 -11.32 19.17 13.91
N PHE B 91 -9.99 19.01 13.91
CA PHE B 91 -9.22 19.13 15.15
C PHE B 91 -9.45 20.49 15.79
N LEU B 92 -9.39 21.55 14.99
CA LEU B 92 -9.54 22.91 15.51
C LEU B 92 -10.99 23.18 15.92
N LEU B 93 -11.95 22.72 15.11
CA LEU B 93 -13.35 22.97 15.42
C LEU B 93 -13.78 22.27 16.71
N GLN B 94 -13.20 21.09 16.98
CA GLN B 94 -13.54 20.37 18.20
C GLN B 94 -13.15 21.16 19.45
N ARG B 95 -12.06 21.91 19.37
CA ARG B 95 -11.55 22.68 20.50
C ARG B 95 -12.04 24.12 20.50
N TRP B 96 -12.10 24.75 19.32
CA TRP B 96 -12.32 26.18 19.22
C TRP B 96 -13.56 26.53 18.41
N GLY B 97 -14.43 25.56 18.12
CA GLY B 97 -15.63 25.83 17.36
C GLY B 97 -16.74 26.51 18.14
N GLY B 98 -16.56 26.69 19.45
CA GLY B 98 -17.53 27.40 20.25
C GLY B 98 -16.87 28.26 21.29
N THR B 99 -17.64 28.79 22.24
CA THR B 99 -17.08 29.56 23.33
C THR B 99 -16.26 28.66 24.25
N CYS B 100 -15.06 29.11 24.59
CA CYS B 100 -14.16 28.35 25.45
C CYS B 100 -14.46 28.72 26.90
N HIS B 101 -15.16 27.83 27.62
CA HIS B 101 -15.46 28.05 29.03
C HIS B 101 -14.25 27.62 29.86
N ILE B 102 -13.56 28.60 30.45
CA ILE B 102 -12.32 28.31 31.17
C ILE B 102 -12.60 27.33 32.31
N LEU B 103 -11.68 26.37 32.48
CA LEU B 103 -11.73 25.28 33.45
C LEU B 103 -12.77 24.22 33.09
N GLY B 104 -13.38 24.31 31.92
CA GLY B 104 -14.28 23.28 31.44
C GLY B 104 -13.50 22.12 30.84
N PRO B 105 -14.14 20.97 30.71
CA PRO B 105 -13.44 19.79 30.16
C PRO B 105 -13.15 19.90 28.68
N ASP B 106 -13.84 20.78 27.95
CA ASP B 106 -13.69 20.91 26.51
C ASP B 106 -12.98 22.20 26.09
N CYS B 107 -12.46 22.96 27.05
CA CYS B 107 -11.74 24.20 26.77
C CYS B 107 -10.27 23.99 27.12
N CYS B 108 -9.40 24.04 26.11
CA CYS B 108 -7.98 23.75 26.30
C CYS B 108 -7.20 25.04 26.59
N ILE B 109 -7.62 25.73 27.63
CA ILE B 109 -6.93 26.93 28.11
C ILE B 109 -6.42 26.63 29.52
N GLU B 110 -5.10 26.80 29.71
CA GLU B 110 -4.49 26.58 31.01
C GLU B 110 -4.21 27.92 31.67
N PRO B 111 -4.97 28.32 32.69
CA PRO B 111 -4.73 29.59 33.37
C PRO B 111 -3.76 29.50 34.55
N ALA B 112 -3.07 28.37 34.73
CA ALA B 112 -2.33 28.10 35.95
C ALA B 112 -1.31 29.20 36.24
N ASP B 113 -0.44 29.49 35.26
CA ASP B 113 0.58 30.52 35.46
C ASP B 113 -0.04 31.85 35.82
N TRP B 114 -1.25 32.12 35.34
CA TRP B 114 -1.93 33.35 35.69
C TRP B 114 -2.80 33.21 36.93
N THR B 115 -3.04 31.99 37.42
CA THR B 115 -3.49 31.84 38.80
C THR B 115 -2.38 32.20 39.77
N LYS B 116 -1.16 31.77 39.46
CA LYS B 116 0.04 32.08 40.23
C LYS B 116 0.56 33.49 39.97
N ASN B 117 -0.22 34.31 39.27
CA ASN B 117 0.01 35.75 39.18
C ASN B 117 -1.03 36.53 39.96
N ILE B 118 -2.30 36.12 39.89
CA ILE B 118 -3.36 36.82 40.61
C ILE B 118 -3.29 36.50 42.10
N THR B 119 -3.12 35.21 42.44
CA THR B 119 -2.94 34.84 43.84
C THR B 119 -1.57 35.26 44.37
N ASP B 120 -0.62 35.53 43.48
CA ASP B 120 0.70 36.01 43.87
C ASP B 120 0.77 37.53 43.98
N LYS B 121 -0.33 38.22 43.69
CA LYS B 121 -0.42 39.66 43.91
C LYS B 121 -1.41 40.02 45.02
N ILE B 122 -1.82 39.04 45.84
CA ILE B 122 -2.62 39.38 47.00
C ILE B 122 -1.73 39.97 48.10
N ASP B 123 -0.48 39.54 48.17
CA ASP B 123 0.48 40.08 49.13
C ASP B 123 1.17 41.34 48.60
N GLN B 124 0.55 42.01 47.62
CA GLN B 124 0.83 43.41 47.33
C GLN B 124 -0.31 44.31 47.79
N ILE B 125 -1.44 43.73 48.19
CA ILE B 125 -2.59 44.47 48.70
C ILE B 125 -2.87 44.13 50.16
N ILE B 126 -2.78 42.86 50.53
CA ILE B 126 -3.02 42.48 51.92
C ILE B 126 -1.75 42.66 52.75
N HIS B 127 -0.58 42.63 52.11
CA HIS B 127 0.66 42.94 52.82
C HIS B 127 0.77 44.44 53.05
N ASP B 128 0.59 45.23 51.99
CA ASP B 128 0.62 46.69 52.07
C ASP B 128 -0.73 47.17 52.58
N PHE B 129 -0.86 47.22 53.91
CA PHE B 129 -2.10 47.66 54.54
C PHE B 129 -1.80 48.22 55.91
N VAL B 130 -0.84 49.14 55.98
CA VAL B 130 -0.34 49.67 57.24
C VAL B 130 -1.00 51.01 57.50
N ASP B 131 -1.63 51.15 58.67
CA ASP B 131 -2.20 52.42 59.11
C ASP B 131 -2.41 52.41 60.62
#